data_4HTG
#
_entry.id   4HTG
#
_cell.length_a   141.573
_cell.length_b   37.271
_cell.length_c   55.069
_cell.angle_alpha   90.00
_cell.angle_beta   105.00
_cell.angle_gamma   90.00
#
_symmetry.space_group_name_H-M   'C 1 2 1'
#
loop_
_entity.id
_entity.type
_entity.pdbx_description
1 polymer 'Porphobilinogen deaminase, chloroplastic'
2 non-polymer '3-[(5Z)-5-{[3-(2-carboxyethyl)-4-(carboxymethyl)-5-methyl-1H-pyrrol-2-yl]methylidene}-4-(carboxymethyl)-2-oxo-2,5-dihydro-1H-pyrrol-3-yl]propanoic acid'
3 non-polymer 'ACETATE ION'
4 water water
#
_entity_poly.entity_id   1
_entity_poly.type   'polypeptide(L)'
_entity_poly.pdbx_seq_one_letter_code
;CVAVEQKTRTAIIRIGTRGSPLALAQAYETREKLKKKHPELVEDGAIHIEIIKTTGDKILSQPLADIGGKGLFTKEIDEA
LINGHIDIAVHSMKDVPTYLPEKTILPCNLPREDVRDAFICLTAATLAELPAGSVVGTASLRRKSQILHKYPALHVEENF
RGNVQTRLSKLQGGKVQATLLALAGLKRLSMTENVASILSLDEMLPAVAQGAIGIACRTDDDKMATYLASLNHEETRLAI
SCERAFLETLDGSCRTPIAGYASKDEEGNCIFRGLVASPDGTKVLETSRKGPYVYEDMVKMGKDAGQELLSRAGPGFFGN
;
_entity_poly.pdbx_strand_id   A
#
loop_
_chem_comp.id
_chem_comp.type
_chem_comp.name
_chem_comp.formula
18W non-polymer '3-[(5Z)-5-{[3-(2-carboxyethyl)-4-(carboxymethyl)-5-methyl-1H-pyrrol-2-yl]methylidene}-4-(carboxymethyl)-2-oxo-2,5-dihydro-1H-pyrrol-3-yl]propanoic acid' 'C20 H22 N2 O9'
ACT non-polymer 'ACETATE ION' 'C2 H3 O2 -1'
#
# COMPACT_ATOMS: atom_id res chain seq x y z
N THR A 10 -17.76 23.34 15.09
CA THR A 10 -16.47 23.46 14.28
C THR A 10 -15.28 22.58 14.75
N ALA A 11 -14.61 21.96 13.80
CA ALA A 11 -13.50 21.01 14.06
C ALA A 11 -12.16 21.68 13.94
N ILE A 12 -11.24 21.19 14.74
CA ILE A 12 -9.83 21.62 14.60
C ILE A 12 -9.23 20.96 13.37
N ILE A 13 -9.54 19.67 13.19
CA ILE A 13 -8.97 18.90 12.06
C ILE A 13 -10.07 18.17 11.33
N ARG A 14 -10.19 18.46 10.02
CA ARG A 14 -11.06 17.66 9.13
C ARG A 14 -10.18 16.69 8.42
N ILE A 15 -10.44 15.39 8.66
CA ILE A 15 -9.62 14.28 8.05
C ILE A 15 -10.38 13.67 6.88
N GLY A 16 -9.78 13.77 5.71
CA GLY A 16 -10.33 13.18 4.50
C GLY A 16 -9.82 11.75 4.37
N THR A 17 -10.72 10.85 3.97
CA THR A 17 -10.39 9.43 3.82
C THR A 17 -11.40 8.81 2.85
N ARG A 18 -11.02 7.71 2.22
CA ARG A 18 -12.00 6.85 1.61
C ARG A 18 -12.99 6.26 2.66
N GLY A 19 -14.09 5.67 2.23
CA GLY A 19 -15.09 5.26 3.18
C GLY A 19 -15.17 3.77 3.34
N SER A 20 -14.17 3.00 2.94
CA SER A 20 -14.21 1.57 3.25
C SER A 20 -13.88 1.28 4.71
N PRO A 21 -14.22 0.12 5.21
CA PRO A 21 -13.79 -0.22 6.59
C PRO A 21 -12.27 -0.07 6.80
N LEU A 22 -11.44 -0.48 5.84
CA LEU A 22 -10.01 -0.36 6.05
C LEU A 22 -9.56 1.10 6.04
N ALA A 23 -10.14 1.93 5.12
CA ALA A 23 -9.71 3.32 5.06
C ALA A 23 -10.14 3.96 6.39
N LEU A 24 -11.33 3.62 6.91
CA LEU A 24 -11.74 4.24 8.18
C LEU A 24 -10.88 3.74 9.33
N ALA A 25 -10.45 2.49 9.28
CA ALA A 25 -9.54 1.98 10.29
C ALA A 25 -8.27 2.84 10.29
N GLN A 26 -7.76 3.19 9.11
CA GLN A 26 -6.55 4.00 9.01
C GLN A 26 -6.78 5.41 9.51
N ALA A 27 -7.96 5.95 9.22
CA ALA A 27 -8.28 7.28 9.71
C ALA A 27 -8.46 7.26 11.23
N TYR A 28 -9.00 6.20 11.82
CA TYR A 28 -9.21 6.14 13.25
C TYR A 28 -7.92 5.88 13.99
N GLU A 29 -6.98 5.17 13.37
CA GLU A 29 -5.62 5.04 13.96
C GLU A 29 -4.98 6.43 14.02
N THR A 30 -5.13 7.22 12.96
CA THR A 30 -4.57 8.54 12.96
C THR A 30 -5.21 9.41 14.07
N ARG A 31 -6.54 9.36 14.17
CA ARG A 31 -7.27 10.08 15.25
C ARG A 31 -6.76 9.66 16.63
N GLU A 32 -6.57 8.36 16.83
CA GLU A 32 -6.16 7.89 18.17
C GLU A 32 -4.79 8.40 18.52
N LYS A 33 -3.90 8.40 17.55
CA LYS A 33 -2.54 8.87 17.80
CA LYS A 33 -2.53 8.87 17.76
C LYS A 33 -2.53 10.36 18.05
N LEU A 34 -3.35 11.10 17.28
CA LEU A 34 -3.40 12.56 17.50
C LEU A 34 -3.94 12.91 18.86
N LYS A 35 -4.97 12.22 19.32
CA LYS A 35 -5.55 12.50 20.63
C LYS A 35 -4.59 12.27 21.79
N LYS A 36 -3.68 11.31 21.64
CA LYS A 36 -2.74 10.97 22.70
C LYS A 36 -1.67 12.08 22.83
N LYS A 37 -1.35 12.75 21.70
CA LYS A 37 -0.29 13.76 21.75
C LYS A 37 -0.86 15.17 21.97
N HIS A 38 -2.15 15.33 21.62
CA HIS A 38 -2.82 16.63 21.66
C HIS A 38 -4.20 16.48 22.23
N PRO A 39 -4.32 16.60 23.54
CA PRO A 39 -5.58 16.13 24.17
C PRO A 39 -6.81 17.00 23.83
N GLU A 40 -6.60 18.19 23.27
CA GLU A 40 -7.71 18.98 22.80
C GLU A 40 -8.49 18.26 21.70
N LEU A 41 -7.87 17.30 21.05
CA LEU A 41 -8.52 16.54 19.97
C LEU A 41 -9.33 15.37 20.51
N VAL A 42 -9.32 15.17 21.82
CA VAL A 42 -10.15 14.12 22.42
C VAL A 42 -11.62 14.43 22.35
N GLU A 43 -11.98 15.72 22.50
CA GLU A 43 -13.40 16.11 22.42
C GLU A 43 -13.96 15.70 21.08
N ASP A 44 -15.09 15.02 21.16
CA ASP A 44 -15.98 14.83 20.06
C ASP A 44 -16.43 16.22 19.62
N GLY A 45 -15.97 16.53 18.44
CA GLY A 45 -16.25 17.82 17.81
C GLY A 45 -14.93 18.29 17.20
N ALA A 46 -13.83 17.97 17.85
CA ALA A 46 -12.53 18.46 17.46
C ALA A 46 -12.06 17.89 16.17
N ILE A 47 -12.45 16.64 15.93
CA ILE A 47 -12.07 15.97 14.69
C ILE A 47 -13.34 15.60 13.93
N HIS A 48 -13.33 15.97 12.66
CA HIS A 48 -14.39 15.54 11.74
C HIS A 48 -13.79 14.63 10.68
N ILE A 49 -14.40 13.48 10.45
CA ILE A 49 -13.95 12.60 9.43
C ILE A 49 -14.83 12.83 8.20
N GLU A 50 -14.20 13.18 7.06
CA GLU A 50 -14.91 13.48 5.80
C GLU A 50 -14.63 12.29 4.85
N ILE A 51 -15.68 11.53 4.58
CA ILE A 51 -15.60 10.37 3.71
C ILE A 51 -15.78 10.86 2.27
N ILE A 52 -14.83 10.54 1.43
CA ILE A 52 -14.77 11.07 0.09
C ILE A 52 -14.75 9.85 -0.89
N LYS A 53 -15.69 9.84 -1.83
CA LYS A 53 -15.72 8.82 -2.86
C LYS A 53 -14.72 9.14 -3.96
N THR A 54 -13.91 8.15 -4.35
CA THR A 54 -12.93 8.39 -5.41
C THR A 54 -13.33 7.63 -6.66
N THR A 55 -12.64 7.84 -7.81
CA THR A 55 -13.06 7.02 -8.99
C THR A 55 -12.74 5.53 -8.84
N GLY A 56 -11.66 5.21 -8.13
CA GLY A 56 -11.30 3.81 -7.89
C GLY A 56 -12.41 3.08 -7.09
N ASP A 57 -13.22 3.84 -6.30
CA ASP A 57 -14.40 3.24 -5.64
C ASP A 57 -15.56 2.88 -6.56
N LYS A 58 -15.52 3.39 -7.78
CA LYS A 58 -16.59 3.21 -8.75
C LYS A 58 -16.27 2.10 -9.74
N ILE A 59 -15.06 2.12 -10.27
CA ILE A 59 -14.71 1.24 -11.39
C ILE A 59 -14.11 -0.08 -10.85
N LEU A 60 -15.03 -1.00 -10.54
CA LEU A 60 -14.72 -2.23 -9.80
C LEU A 60 -15.02 -3.48 -10.63
N SER A 61 -15.38 -3.32 -11.88
CA SER A 61 -15.87 -4.43 -12.70
C SER A 61 -14.84 -4.98 -13.65
N GLN A 62 -13.59 -4.51 -13.54
CA GLN A 62 -12.57 -4.98 -14.42
C GLN A 62 -11.22 -4.95 -13.69
N PRO A 63 -10.20 -5.68 -14.23
CA PRO A 63 -8.91 -5.63 -13.54
C PRO A 63 -8.31 -4.20 -13.41
N LEU A 64 -7.55 -4.02 -12.34
CA LEU A 64 -6.88 -2.77 -12.08
C LEU A 64 -5.86 -2.45 -13.19
N ALA A 65 -5.21 -3.45 -13.76
CA ALA A 65 -4.22 -3.18 -14.81
C ALA A 65 -4.95 -2.75 -16.11
N ASP A 66 -6.30 -2.89 -16.16
CA ASP A 66 -7.03 -2.46 -17.33
C ASP A 66 -7.73 -1.14 -17.11
N ILE A 67 -7.34 -0.40 -16.06
CA ILE A 67 -8.01 0.89 -15.76
C ILE A 67 -6.98 2.04 -15.92
N GLY A 68 -7.28 2.95 -16.83
CA GLY A 68 -6.39 4.06 -17.13
C GLY A 68 -6.39 5.14 -16.06
N GLY A 69 -5.41 6.00 -16.14
CA GLY A 69 -5.40 7.23 -15.32
C GLY A 69 -4.58 7.14 -14.04
N LYS A 70 -4.41 8.32 -13.44
CA LYS A 70 -3.54 8.48 -12.28
C LYS A 70 -4.46 8.73 -11.10
N GLY A 71 -4.11 8.17 -9.97
CA GLY A 71 -4.70 8.67 -8.73
C GLY A 71 -6.10 8.11 -8.50
N LEU A 72 -6.37 6.89 -8.90
CA LEU A 72 -7.71 6.31 -8.83
C LEU A 72 -8.22 6.34 -7.41
N PHE A 73 -7.33 6.14 -6.43
CA PHE A 73 -7.81 6.09 -5.02
C PHE A 73 -7.55 7.36 -4.22
N THR A 74 -7.00 8.35 -4.90
CA THR A 74 -6.56 9.58 -4.20
C THR A 74 -7.06 10.92 -4.76
N LYS A 75 -7.35 11.00 -6.06
CA LYS A 75 -7.58 12.31 -6.72
C LYS A 75 -8.65 13.17 -6.01
N GLU A 76 -9.84 12.64 -5.68
CA GLU A 76 -10.87 13.47 -5.07
C GLU A 76 -10.48 13.91 -3.71
N ILE A 77 -9.66 13.12 -3.02
CA ILE A 77 -9.21 13.53 -1.70
C ILE A 77 -8.14 14.62 -1.80
N ASP A 78 -7.24 14.49 -2.80
CA ASP A 78 -6.24 15.53 -3.04
C ASP A 78 -6.94 16.85 -3.41
N GLU A 79 -8.00 16.80 -4.19
CA GLU A 79 -8.76 18.03 -4.50
C GLU A 79 -9.48 18.59 -3.33
N ALA A 80 -10.00 17.73 -2.44
CA ALA A 80 -10.59 18.28 -1.20
C ALA A 80 -9.55 18.95 -0.32
N LEU A 81 -8.33 18.41 -0.33
CA LEU A 81 -7.27 19.00 0.56
C LEU A 81 -6.79 20.30 -0.01
N ILE A 82 -6.53 20.32 -1.32
CA ILE A 82 -5.94 21.48 -1.97
C ILE A 82 -6.89 22.68 -1.83
N ASN A 83 -8.19 22.41 -1.87
CA ASN A 83 -9.17 23.47 -1.91
C ASN A 83 -9.82 23.75 -0.57
N GLY A 84 -9.34 23.11 0.52
CA GLY A 84 -9.74 23.54 1.83
C GLY A 84 -11.00 22.95 2.40
N HIS A 85 -11.43 21.84 1.84
CA HIS A 85 -12.58 21.11 2.38
C HIS A 85 -12.13 20.23 3.52
N ILE A 86 -10.90 19.73 3.42
CA ILE A 86 -10.35 18.93 4.51
C ILE A 86 -8.96 19.52 4.85
N ASP A 87 -8.41 19.13 5.99
CA ASP A 87 -7.14 19.62 6.54
C ASP A 87 -6.01 18.64 6.42
N ILE A 88 -6.33 17.35 6.57
CA ILE A 88 -5.32 16.28 6.28
C ILE A 88 -6.03 15.20 5.54
N ALA A 89 -5.23 14.45 4.82
CA ALA A 89 -5.72 13.34 4.02
C ALA A 89 -4.97 12.07 4.39
N VAL A 90 -5.72 11.00 4.66
CA VAL A 90 -5.10 9.76 5.12
C VAL A 90 -5.21 8.80 3.99
N HIS A 91 -4.07 8.24 3.59
CA HIS A 91 -4.04 7.27 2.44
C HIS A 91 -3.30 6.01 2.85
N SER A 92 -3.60 4.92 2.16
CA SER A 92 -2.72 3.82 2.12
C SER A 92 -1.56 4.23 1.20
N MET A 93 -0.31 4.21 1.69
CA MET A 93 0.80 4.71 0.91
C MET A 93 1.00 4.05 -0.44
N LYS A 94 0.69 2.75 -0.50
CA LYS A 94 0.88 2.03 -1.76
C LYS A 94 -0.03 2.52 -2.91
N ASP A 95 -1.11 3.23 -2.56
CA ASP A 95 -2.03 3.76 -3.53
C ASP A 95 -1.75 5.23 -3.85
N VAL A 96 -0.72 5.82 -3.25
CA VAL A 96 -0.45 7.25 -3.54
C VAL A 96 0.47 7.33 -4.82
N PRO A 97 0.07 8.09 -5.84
CA PRO A 97 0.96 8.31 -6.98
C PRO A 97 2.32 8.77 -6.64
N THR A 98 3.29 8.42 -7.49
CA THR A 98 4.64 8.85 -7.29
C THR A 98 4.81 10.38 -7.33
N TYR A 99 3.97 11.10 -8.09
CA TYR A 99 3.99 12.56 -8.14
C TYR A 99 2.91 13.06 -7.20
N LEU A 100 3.30 13.82 -6.20
CA LEU A 100 2.35 14.41 -5.28
C LEU A 100 1.71 15.62 -5.94
N PRO A 101 0.42 15.79 -5.65
CA PRO A 101 -0.36 16.88 -6.15
C PRO A 101 0.33 18.17 -5.79
N GLU A 102 0.31 19.05 -6.77
CA GLU A 102 0.67 20.45 -6.56
C GLU A 102 -0.02 21.02 -5.29
N LYS A 103 0.72 21.71 -4.43
CA LYS A 103 0.14 22.47 -3.28
C LYS A 103 -0.05 21.54 -2.09
N THR A 104 0.38 20.29 -2.23
CA THR A 104 0.32 19.41 -1.04
C THR A 104 1.71 18.84 -0.75
N ILE A 105 1.90 18.45 0.50
CA ILE A 105 3.06 17.69 0.94
C ILE A 105 2.61 16.45 1.65
N LEU A 106 3.48 15.44 1.73
CA LEU A 106 3.13 14.24 2.43
C LEU A 106 4.30 13.98 3.43
N PRO A 107 4.28 14.68 4.55
CA PRO A 107 5.42 14.69 5.48
C PRO A 107 5.31 13.66 6.56
N CYS A 108 4.33 12.77 6.50
CA CYS A 108 4.09 11.89 7.61
C CYS A 108 3.76 10.50 7.17
N ASN A 109 4.48 9.52 7.69
CA ASN A 109 4.04 8.12 7.61
C ASN A 109 3.93 7.58 9.06
N LEU A 110 2.81 6.89 9.34
CA LEU A 110 2.70 6.17 10.61
C LEU A 110 3.62 4.99 10.69
N PRO A 111 3.94 4.49 11.91
CA PRO A 111 4.81 3.30 11.98
C PRO A 111 4.31 2.15 11.07
N ARG A 112 5.19 1.64 10.28
CA ARG A 112 4.80 0.61 9.31
C ARG A 112 4.28 -0.64 10.00
N GLU A 113 3.25 -1.24 9.42
CA GLU A 113 2.79 -2.55 9.77
C GLU A 113 3.63 -3.63 9.03
N ASP A 114 3.35 -4.91 9.33
CA ASP A 114 4.00 -6.03 8.68
C ASP A 114 3.75 -5.90 7.17
N VAL A 115 4.79 -6.09 6.38
CA VAL A 115 4.64 -5.86 4.95
C VAL A 115 4.22 -7.10 4.13
N ARG A 116 4.16 -8.27 4.78
CA ARG A 116 4.02 -9.51 4.05
C ARG A 116 2.59 -9.72 3.52
N ASP A 117 2.48 -10.55 2.48
CA ASP A 117 1.18 -10.95 1.96
C ASP A 117 0.67 -12.17 2.75
N ALA A 118 -0.64 -12.21 2.96
CA ALA A 118 -1.36 -13.38 3.53
C ALA A 118 -2.03 -14.17 2.41
N PHE A 119 -1.93 -15.48 2.52
CA PHE A 119 -2.65 -16.42 1.66
C PHE A 119 -3.98 -16.77 2.32
N ILE A 120 -5.06 -16.64 1.57
CA ILE A 120 -6.43 -16.76 2.11
C ILE A 120 -7.05 -17.90 1.29
N CYS A 121 -7.51 -18.94 1.99
CA CYS A 121 -8.00 -20.17 1.30
C CYS A 121 -8.74 -21.02 2.31
N LEU A 122 -9.85 -21.64 1.88
CA LEU A 122 -10.71 -22.43 2.75
C LEU A 122 -10.34 -23.90 2.79
N THR A 123 -9.50 -24.34 1.83
CA THR A 123 -9.31 -25.79 1.58
C THR A 123 -7.86 -26.14 1.64
N ALA A 124 -6.98 -25.22 1.33
CA ALA A 124 -5.50 -25.48 1.40
C ALA A 124 -4.80 -24.47 2.31
N ALA A 125 -3.71 -24.91 2.93
CA ALA A 125 -2.94 -24.08 3.82
C ALA A 125 -1.97 -23.16 3.05
N THR A 126 -1.52 -23.58 1.84
CA THR A 126 -0.45 -22.84 1.15
C THR A 126 -0.67 -22.89 -0.32
N LEU A 127 0.01 -22.00 -1.07
CA LEU A 127 -0.06 -22.11 -2.54
C LEU A 127 0.29 -23.50 -3.11
N ALA A 128 1.33 -24.11 -2.55
CA ALA A 128 1.86 -25.37 -3.02
C ALA A 128 0.84 -26.53 -2.80
N GLU A 129 -0.07 -26.36 -1.84
CA GLU A 129 -1.11 -27.39 -1.56
C GLU A 129 -2.35 -27.26 -2.47
N LEU A 130 -2.45 -26.17 -3.27
CA LEU A 130 -3.53 -26.04 -4.18
C LEU A 130 -3.39 -27.02 -5.28
N PRO A 131 -4.49 -27.70 -5.67
CA PRO A 131 -4.44 -28.57 -6.87
C PRO A 131 -4.06 -27.78 -8.13
N ALA A 132 -3.41 -28.42 -9.10
CA ALA A 132 -3.19 -27.76 -10.39
C ALA A 132 -4.50 -27.26 -10.95
N GLY A 133 -4.44 -26.09 -11.57
CA GLY A 133 -5.59 -25.45 -12.19
C GLY A 133 -6.43 -24.62 -11.22
N SER A 134 -6.07 -24.65 -9.94
CA SER A 134 -6.83 -23.84 -8.99
C SER A 134 -6.71 -22.37 -9.33
N VAL A 135 -7.77 -21.63 -9.09
CA VAL A 135 -7.86 -20.24 -9.43
C VAL A 135 -7.56 -19.36 -8.21
N VAL A 136 -6.55 -18.52 -8.35
CA VAL A 136 -6.17 -17.50 -7.33
C VAL A 136 -6.64 -16.14 -7.79
N GLY A 137 -7.46 -15.47 -6.98
CA GLY A 137 -7.94 -14.16 -7.40
C GLY A 137 -6.95 -13.07 -6.93
N THR A 138 -6.52 -12.26 -7.86
CA THR A 138 -5.76 -11.02 -7.51
C THR A 138 -5.74 -10.15 -8.75
N ALA A 139 -5.98 -8.86 -8.53
CA ALA A 139 -5.88 -7.88 -9.63
C ALA A 139 -4.48 -7.23 -9.66
N SER A 140 -3.54 -7.72 -8.85
CA SER A 140 -2.20 -7.17 -8.84
C SER A 140 -1.29 -7.93 -9.82
N LEU A 141 -0.68 -7.25 -10.78
CA LEU A 141 0.30 -7.94 -11.63
C LEU A 141 1.56 -8.30 -10.82
N ARG A 142 1.88 -7.50 -9.80
CA ARG A 142 2.98 -7.88 -8.93
C ARG A 142 2.76 -9.27 -8.30
N ARG A 143 1.55 -9.50 -7.82
CA ARG A 143 1.23 -10.75 -7.15
C ARG A 143 1.06 -11.83 -8.18
N LYS A 144 0.39 -11.49 -9.29
CA LYS A 144 0.19 -12.54 -10.36
C LYS A 144 1.53 -13.08 -10.86
N SER A 145 2.46 -12.17 -11.16
CA SER A 145 3.79 -12.54 -11.70
C SER A 145 4.55 -13.42 -10.73
N GLN A 146 4.52 -13.08 -9.43
CA GLN A 146 5.28 -13.86 -8.47
C GLN A 146 4.64 -15.23 -8.17
N ILE A 147 3.31 -15.29 -8.19
CA ILE A 147 2.62 -16.57 -8.06
C ILE A 147 2.95 -17.47 -9.22
N LEU A 148 2.86 -16.91 -10.44
CA LEU A 148 3.01 -17.81 -11.61
C LEU A 148 4.48 -18.20 -11.82
N HIS A 149 5.41 -17.40 -11.33
CA HIS A 149 6.84 -17.76 -11.38
C HIS A 149 7.13 -19.02 -10.62
N LYS A 150 6.48 -19.18 -9.44
CA LYS A 150 6.73 -20.33 -8.55
C LYS A 150 5.68 -21.48 -8.75
N TYR A 151 4.49 -21.08 -9.21
CA TYR A 151 3.37 -21.99 -9.32
C TYR A 151 2.72 -21.84 -10.67
N PRO A 152 3.42 -22.24 -11.74
CA PRO A 152 2.93 -21.99 -13.10
C PRO A 152 1.67 -22.75 -13.44
N ALA A 153 1.34 -23.79 -12.67
CA ALA A 153 0.17 -24.61 -12.91
C ALA A 153 -1.10 -24.00 -12.32
N LEU A 154 -0.98 -22.94 -11.48
CA LEU A 154 -2.17 -22.25 -10.98
C LEU A 154 -2.70 -21.29 -12.05
N HIS A 155 -3.97 -20.88 -11.88
CA HIS A 155 -4.54 -19.85 -12.73
CA HIS A 155 -4.56 -19.85 -12.74
C HIS A 155 -4.82 -18.65 -11.88
N VAL A 156 -4.48 -17.48 -12.40
CA VAL A 156 -4.77 -16.25 -11.71
C VAL A 156 -5.93 -15.56 -12.41
N GLU A 157 -6.98 -15.33 -11.64
CA GLU A 157 -8.09 -14.46 -12.07
C GLU A 157 -7.84 -13.02 -11.72
N GLU A 158 -7.61 -12.20 -12.75
CA GLU A 158 -7.27 -10.82 -12.54
C GLU A 158 -8.46 -9.91 -12.25
N ASN A 159 -9.65 -10.33 -12.70
CA ASN A 159 -10.85 -9.57 -12.44
C ASN A 159 -11.37 -9.98 -11.07
N PHE A 160 -10.65 -9.48 -10.07
CA PHE A 160 -10.89 -9.82 -8.69
C PHE A 160 -10.72 -8.52 -7.89
N ARG A 161 -11.83 -7.88 -7.62
CA ARG A 161 -11.77 -6.50 -7.14
C ARG A 161 -12.64 -6.28 -5.96
N GLY A 162 -12.37 -5.19 -5.25
CA GLY A 162 -13.25 -4.75 -4.17
C GLY A 162 -12.52 -4.51 -2.87
N ASN A 163 -13.23 -3.99 -1.91
CA ASN A 163 -12.65 -3.81 -0.58
C ASN A 163 -12.28 -5.10 0.05
N VAL A 164 -11.46 -5.06 1.09
CA VAL A 164 -11.06 -6.29 1.76
C VAL A 164 -12.22 -7.26 2.03
N GLN A 165 -13.32 -6.78 2.62
CA GLN A 165 -14.40 -7.71 2.93
C GLN A 165 -15.09 -8.20 1.70
N THR A 166 -15.11 -7.42 0.62
CA THR A 166 -15.70 -7.93 -0.63
C THR A 166 -14.87 -9.07 -1.19
N ARG A 167 -13.55 -8.92 -1.15
CA ARG A 167 -12.65 -10.00 -1.64
C ARG A 167 -12.80 -11.26 -0.76
N LEU A 168 -12.93 -11.07 0.57
CA LEU A 168 -13.13 -12.23 1.49
C LEU A 168 -14.49 -12.86 1.20
N SER A 169 -15.52 -12.04 0.94
CA SER A 169 -16.86 -12.59 0.56
C SER A 169 -16.78 -13.40 -0.74
N LYS A 170 -16.03 -12.94 -1.72
CA LYS A 170 -15.93 -13.67 -3.00
C LYS A 170 -15.26 -15.02 -2.81
N LEU A 171 -14.30 -15.04 -1.89
CA LEU A 171 -13.61 -16.27 -1.62
C LEU A 171 -14.59 -17.22 -0.91
N GLN A 172 -15.32 -16.72 0.08
CA GLN A 172 -16.29 -17.57 0.75
C GLN A 172 -17.38 -18.07 -0.17
N GLY A 173 -17.73 -17.26 -1.15
CA GLY A 173 -18.79 -17.63 -2.08
C GLY A 173 -18.23 -18.55 -3.16
N GLY A 174 -16.90 -18.88 -3.15
CA GLY A 174 -16.37 -19.87 -4.08
C GLY A 174 -16.10 -19.28 -5.45
N LYS A 175 -15.99 -17.95 -5.55
CA LYS A 175 -15.71 -17.32 -6.88
C LYS A 175 -14.30 -17.68 -7.33
N VAL A 176 -13.41 -17.89 -6.38
CA VAL A 176 -12.02 -18.38 -6.63
C VAL A 176 -11.68 -19.39 -5.54
N GLN A 177 -10.56 -20.08 -5.67
CA GLN A 177 -10.12 -21.05 -4.67
C GLN A 177 -9.27 -20.40 -3.59
N ALA A 178 -8.63 -19.29 -3.94
CA ALA A 178 -7.73 -18.64 -2.97
C ALA A 178 -7.52 -17.19 -3.39
N THR A 179 -7.07 -16.39 -2.43
CA THR A 179 -6.67 -15.05 -2.80
C THR A 179 -5.52 -14.64 -1.90
N LEU A 180 -4.97 -13.46 -2.18
N LEU A 180 -5.02 -13.45 -2.19
CA LEU A 180 -3.85 -12.93 -1.37
CA LEU A 180 -3.94 -12.86 -1.39
C LEU A 180 -4.16 -11.53 -1.00
C LEU A 180 -4.39 -11.53 -0.92
N LEU A 181 -3.99 -11.20 0.29
CA LEU A 181 -4.31 -9.88 0.88
C LEU A 181 -3.11 -9.43 1.70
N ALA A 182 -2.88 -8.14 1.79
CA ALA A 182 -1.81 -7.66 2.68
C ALA A 182 -2.16 -8.05 4.11
N LEU A 183 -1.18 -8.65 4.80
CA LEU A 183 -1.43 -8.93 6.23
C LEU A 183 -1.73 -7.65 7.03
N ALA A 184 -1.14 -6.51 6.63
CA ALA A 184 -1.35 -5.22 7.30
C ALA A 184 -2.87 -4.89 7.36
N GLY A 185 -3.59 -5.05 6.23
CA GLY A 185 -4.98 -4.68 6.22
C GLY A 185 -5.82 -5.60 7.08
N LEU A 186 -5.45 -6.90 7.09
CA LEU A 186 -6.23 -7.81 7.90
C LEU A 186 -6.01 -7.49 9.36
N LYS A 187 -4.79 -7.08 9.68
CA LYS A 187 -4.49 -6.74 11.07
C LYS A 187 -5.31 -5.50 11.48
N ARG A 188 -5.33 -4.51 10.62
CA ARG A 188 -6.01 -3.26 10.96
C ARG A 188 -7.51 -3.46 11.10
N LEU A 189 -8.08 -4.44 10.38
CA LEU A 189 -9.48 -4.78 10.47
C LEU A 189 -9.81 -5.87 11.50
N SER A 190 -8.80 -6.41 12.15
CA SER A 190 -8.98 -7.45 13.14
C SER A 190 -9.63 -8.68 12.46
N MET A 191 -9.12 -9.05 11.28
CA MET A 191 -9.71 -10.16 10.50
C MET A 191 -8.62 -11.16 10.06
N THR A 192 -7.64 -11.33 10.96
CA THR A 192 -6.49 -12.20 10.71
C THR A 192 -6.88 -13.69 10.83
N GLU A 193 -8.07 -13.99 11.39
CA GLU A 193 -8.49 -15.41 11.39
C GLU A 193 -8.77 -15.93 9.98
N ASN A 194 -8.83 -15.02 9.00
CA ASN A 194 -8.98 -15.45 7.65
C ASN A 194 -7.60 -15.90 7.06
N VAL A 195 -6.51 -15.67 7.76
CA VAL A 195 -5.24 -16.08 7.16
C VAL A 195 -4.99 -17.58 7.20
N ALA A 196 -4.71 -18.18 6.02
CA ALA A 196 -4.31 -19.59 6.00
C ALA A 196 -2.79 -19.74 6.25
N SER A 197 -2.03 -18.87 5.62
CA SER A 197 -0.60 -18.81 5.87
C SER A 197 -0.11 -17.43 5.41
N ILE A 198 1.08 -17.12 5.90
CA ILE A 198 1.77 -15.88 5.55
C ILE A 198 2.85 -16.18 4.56
N LEU A 199 2.90 -15.42 3.46
CA LEU A 199 3.99 -15.71 2.49
C LEU A 199 5.29 -14.99 2.97
N SER A 200 6.42 -15.68 2.90
CA SER A 200 7.67 -15.06 3.30
C SER A 200 8.11 -14.05 2.18
N LEU A 201 8.99 -13.15 2.56
CA LEU A 201 9.56 -12.21 1.58
C LEU A 201 10.31 -12.92 0.48
N ASP A 202 10.74 -14.17 0.72
CA ASP A 202 11.38 -14.97 -0.33
C ASP A 202 10.35 -15.53 -1.36
N GLU A 203 9.07 -15.64 -0.96
CA GLU A 203 7.96 -16.13 -1.82
C GLU A 203 7.21 -14.97 -2.54
N MET A 204 7.16 -13.83 -1.87
CA MET A 204 6.32 -12.72 -2.35
C MET A 204 6.86 -11.39 -1.79
N LEU A 205 7.54 -10.65 -2.65
CA LEU A 205 8.06 -9.34 -2.23
C LEU A 205 6.87 -8.38 -2.32
N PRO A 206 6.73 -7.48 -1.32
CA PRO A 206 5.52 -6.64 -1.21
C PRO A 206 5.50 -5.53 -2.25
N ALA A 207 4.32 -4.98 -2.44
CA ALA A 207 4.16 -3.78 -3.24
C ALA A 207 4.99 -2.67 -2.56
N VAL A 208 5.52 -1.77 -3.36
CA VAL A 208 6.15 -0.56 -2.83
C VAL A 208 5.21 0.08 -1.82
N ALA A 209 5.71 0.42 -0.62
CA ALA A 209 4.97 1.10 0.43
C ALA A 209 3.86 0.29 1.07
N GLN A 210 3.78 -1.01 0.82
CA GLN A 210 2.82 -1.78 1.57
C GLN A 210 2.96 -1.70 3.06
N GLY A 211 1.82 -1.65 3.75
CA GLY A 211 1.80 -1.64 5.21
C GLY A 211 2.00 -0.26 5.83
N ALA A 212 2.19 0.77 5.00
CA ALA A 212 2.35 2.14 5.47
C ALA A 212 1.09 3.01 5.21
N ILE A 213 0.75 3.85 6.20
CA ILE A 213 -0.26 4.84 6.09
C ILE A 213 0.46 6.17 5.91
N GLY A 214 0.05 6.95 4.88
CA GLY A 214 0.60 8.27 4.68
C GLY A 214 -0.46 9.30 4.99
N ILE A 215 0.00 10.46 5.44
CA ILE A 215 -0.87 11.56 5.75
C ILE A 215 -0.32 12.81 5.11
N ALA A 216 -1.16 13.46 4.31
CA ALA A 216 -0.81 14.68 3.54
C ALA A 216 -1.49 15.87 4.13
N CYS A 217 -0.89 17.02 3.90
CA CYS A 217 -1.52 18.28 4.22
C CYS A 217 -1.19 19.34 3.16
N ARG A 218 -1.80 20.53 3.24
CA ARG A 218 -1.40 21.55 2.31
C ARG A 218 0.02 22.06 2.61
N THR A 219 0.74 22.34 1.51
CA THR A 219 2.10 22.89 1.62
C THR A 219 2.18 24.14 2.49
N ASP A 220 1.17 25.01 2.44
CA ASP A 220 1.23 26.27 3.18
C ASP A 220 0.56 26.19 4.60
N ASP A 221 0.24 24.99 5.07
CA ASP A 221 -0.50 24.82 6.34
C ASP A 221 0.43 24.44 7.51
N ASP A 222 1.01 25.45 8.15
CA ASP A 222 1.92 25.20 9.25
C ASP A 222 1.24 24.51 10.45
N LYS A 223 0.00 24.88 10.78
CA LYS A 223 -0.71 24.23 11.91
C LYS A 223 -0.84 22.72 11.70
N MET A 224 -1.27 22.34 10.52
CA MET A 224 -1.39 20.91 10.24
C MET A 224 -0.05 20.26 10.18
N ALA A 225 0.93 20.90 9.54
CA ALA A 225 2.26 20.28 9.50
C ALA A 225 2.78 20.00 10.89
N THR A 226 2.48 20.86 11.86
CA THR A 226 2.95 20.67 13.23
C THR A 226 2.23 19.48 13.88
N TYR A 227 0.90 19.36 13.73
CA TYR A 227 0.23 18.13 14.20
C TYR A 227 0.84 16.84 13.58
N LEU A 228 1.08 16.88 12.28
CA LEU A 228 1.59 15.68 11.60
C LEU A 228 3.01 15.33 12.03
N ALA A 229 3.81 16.35 12.41
CA ALA A 229 5.14 16.09 12.91
C ALA A 229 5.12 15.24 14.22
N SER A 230 4.01 15.32 14.98
CA SER A 230 3.90 14.50 16.18
C SER A 230 3.53 13.00 15.85
N LEU A 231 3.13 12.70 14.61
CA LEU A 231 2.71 11.33 14.19
C LEU A 231 3.75 10.65 13.34
N ASN A 232 4.60 11.44 12.68
CA ASN A 232 5.50 10.88 11.69
C ASN A 232 6.51 9.93 12.39
N HIS A 233 6.70 8.80 11.71
CA HIS A 233 7.68 7.79 12.09
C HIS A 233 8.76 7.79 11.05
N GLU A 234 9.87 8.51 11.32
CA GLU A 234 10.83 8.77 10.23
C GLU A 234 11.46 7.52 9.66
N GLU A 235 11.63 6.48 10.48
CA GLU A 235 12.24 5.23 9.95
C GLU A 235 11.32 4.67 8.86
N THR A 236 10.01 4.68 9.07
CA THR A 236 9.10 4.24 8.05
C THR A 236 9.11 5.21 6.85
N ARG A 237 9.01 6.49 7.10
CA ARG A 237 8.93 7.43 5.98
C ARG A 237 10.18 7.30 5.08
N LEU A 238 11.34 7.05 5.70
CA LEU A 238 12.55 6.94 4.92
C LEU A 238 12.48 5.69 4.02
N ALA A 239 12.13 4.52 4.61
CA ALA A 239 12.00 3.30 3.80
C ALA A 239 11.00 3.54 2.63
N ILE A 240 9.87 4.17 2.92
CA ILE A 240 8.88 4.37 1.84
C ILE A 240 9.47 5.32 0.76
N SER A 241 10.25 6.34 1.14
CA SER A 241 10.86 7.28 0.17
C SER A 241 11.85 6.49 -0.72
N CYS A 242 12.57 5.53 -0.15
CA CYS A 242 13.49 4.74 -0.94
C CYS A 242 12.73 3.91 -1.98
N GLU A 243 11.71 3.18 -1.52
CA GLU A 243 10.94 2.34 -2.42
C GLU A 243 10.24 3.16 -3.47
N ARG A 244 9.72 4.35 -3.07
CA ARG A 244 9.05 5.18 -4.07
C ARG A 244 10.01 5.77 -5.08
N ALA A 245 11.25 6.01 -4.69
CA ALA A 245 12.24 6.48 -5.70
C ALA A 245 12.47 5.40 -6.75
N PHE A 246 12.57 4.14 -6.30
CA PHE A 246 12.68 2.99 -7.18
C PHE A 246 11.50 2.94 -8.11
N LEU A 247 10.28 3.01 -7.51
CA LEU A 247 9.06 2.93 -8.32
C LEU A 247 9.00 4.03 -9.33
N GLU A 248 9.28 5.27 -8.90
CA GLU A 248 9.23 6.40 -9.84
C GLU A 248 10.19 6.27 -11.03
N THR A 249 11.39 5.76 -10.76
CA THR A 249 12.38 5.55 -11.81
C THR A 249 11.85 4.62 -12.92
N LEU A 250 11.09 3.62 -12.49
CA LEU A 250 10.52 2.55 -13.34
C LEU A 250 9.15 2.96 -13.87
N ASP A 251 8.68 4.20 -13.54
CA ASP A 251 7.36 4.71 -13.95
C ASP A 251 6.26 3.65 -13.54
N GLY A 252 6.43 3.07 -12.35
CA GLY A 252 5.56 2.09 -11.79
C GLY A 252 4.30 2.68 -11.18
N SER A 253 3.31 1.78 -11.01
CA SER A 253 2.05 2.06 -10.34
C SER A 253 1.42 0.76 -9.88
N CYS A 254 0.19 0.82 -9.39
CA CYS A 254 -0.48 -0.40 -8.90
C CYS A 254 -0.73 -1.41 -10.07
N ARG A 255 -0.57 -0.93 -11.32
N ARG A 255 -0.58 -0.93 -11.32
CA ARG A 255 -0.82 -1.70 -12.51
CA ARG A 255 -0.82 -1.70 -12.51
C ARG A 255 0.46 -2.32 -13.10
C ARG A 255 0.41 -2.52 -12.94
N THR A 256 1.60 -2.19 -12.42
CA THR A 256 2.83 -2.73 -12.96
C THR A 256 3.40 -3.88 -12.09
N PRO A 257 4.05 -4.86 -12.71
CA PRO A 257 4.57 -6.01 -11.97
C PRO A 257 5.98 -5.65 -11.34
N ILE A 258 5.95 -4.77 -10.35
CA ILE A 258 7.14 -4.28 -9.68
C ILE A 258 6.87 -4.41 -8.20
N ALA A 259 7.90 -4.77 -7.48
CA ALA A 259 7.85 -4.91 -6.02
C ALA A 259 9.10 -4.31 -5.43
N GLY A 260 9.03 -3.83 -4.19
CA GLY A 260 10.23 -3.29 -3.62
C GLY A 260 10.07 -3.12 -2.15
N TYR A 261 11.14 -3.37 -1.41
CA TYR A 261 11.06 -3.28 0.08
C TYR A 261 12.42 -2.86 0.62
N ALA A 262 12.32 -1.79 1.38
CA ALA A 262 13.46 -1.19 2.14
C ALA A 262 13.17 -1.35 3.61
N SER A 263 14.22 -1.68 4.37
CA SER A 263 14.14 -1.70 5.79
C SER A 263 15.52 -1.47 6.41
N LYS A 264 15.54 -1.23 7.74
CA LYS A 264 16.74 -0.97 8.49
C LYS A 264 17.17 -2.29 9.13
N ASP A 265 18.44 -2.65 8.90
CA ASP A 265 18.98 -3.88 9.51
C ASP A 265 19.54 -3.59 10.89
N GLU A 266 19.97 -4.66 11.53
CA GLU A 266 20.52 -4.64 12.87
C GLU A 266 21.82 -3.74 13.03
N GLU A 267 22.50 -3.40 11.94
CA GLU A 267 23.65 -2.45 12.02
C GLU A 267 23.26 -1.00 11.70
N GLY A 268 21.98 -0.79 11.38
CA GLY A 268 21.49 0.53 11.12
C GLY A 268 21.61 0.94 9.67
N ASN A 269 21.95 0.00 8.78
CA ASN A 269 21.90 0.34 7.36
C ASN A 269 20.56 0.03 6.72
N CYS A 270 20.36 0.67 5.59
CA CYS A 270 19.25 0.40 4.72
C CYS A 270 19.56 -0.82 3.80
N ILE A 271 18.67 -1.82 3.83
CA ILE A 271 18.75 -2.98 2.93
C ILE A 271 17.52 -2.85 2.02
N PHE A 272 17.75 -2.77 0.72
CA PHE A 272 16.66 -2.62 -0.24
C PHE A 272 16.69 -3.86 -1.19
N ARG A 273 15.51 -4.41 -1.45
CA ARG A 273 15.40 -5.45 -2.48
C ARG A 273 14.24 -5.03 -3.40
N GLY A 274 14.47 -5.09 -4.71
CA GLY A 274 13.43 -4.69 -5.67
C GLY A 274 13.33 -5.75 -6.74
N LEU A 275 12.19 -5.81 -7.44
CA LEU A 275 12.09 -6.68 -8.56
C LEU A 275 11.14 -6.17 -9.60
N VAL A 276 11.35 -6.64 -10.81
CA VAL A 276 10.42 -6.45 -11.91
C VAL A 276 10.22 -7.80 -12.58
N ALA A 277 9.02 -8.06 -12.98
CA ALA A 277 8.73 -9.40 -13.54
C ALA A 277 7.86 -9.29 -14.76
N SER A 278 7.88 -10.29 -15.65
CA SER A 278 6.93 -10.37 -16.74
C SER A 278 5.56 -10.77 -16.11
N PRO A 279 4.47 -10.32 -16.66
CA PRO A 279 3.15 -10.64 -16.08
C PRO A 279 2.86 -12.17 -16.04
N ASP A 280 3.45 -12.94 -16.97
CA ASP A 280 3.22 -14.36 -16.98
C ASP A 280 4.14 -15.11 -16.00
N GLY A 281 5.01 -14.38 -15.31
CA GLY A 281 5.87 -15.00 -14.29
C GLY A 281 7.10 -15.69 -14.83
N THR A 282 7.29 -15.75 -16.16
CA THR A 282 8.42 -16.51 -16.69
C THR A 282 9.78 -15.84 -16.55
N LYS A 283 9.81 -14.54 -16.33
CA LYS A 283 11.06 -13.79 -16.17
C LYS A 283 10.93 -12.85 -14.95
N VAL A 284 11.94 -12.86 -14.09
CA VAL A 284 11.98 -11.98 -12.95
C VAL A 284 13.39 -11.46 -12.82
N LEU A 285 13.53 -10.14 -12.63
CA LEU A 285 14.81 -9.53 -12.36
C LEU A 285 14.75 -8.87 -10.99
N GLU A 286 15.68 -9.27 -10.10
CA GLU A 286 15.77 -8.75 -8.80
C GLU A 286 17.06 -7.92 -8.62
N THR A 287 16.97 -6.87 -7.79
CA THR A 287 18.15 -6.09 -7.49
C THR A 287 18.21 -5.97 -5.97
N SER A 288 19.41 -5.80 -5.42
CA SER A 288 19.46 -5.52 -4.02
C SER A 288 20.60 -4.55 -3.79
N ARG A 289 20.39 -3.68 -2.83
CA ARG A 289 21.37 -2.63 -2.51
C ARG A 289 21.44 -2.46 -0.98
N LYS A 290 22.59 -2.03 -0.47
CA LYS A 290 22.71 -1.72 0.95
C LYS A 290 23.48 -0.41 1.09
N GLY A 291 23.08 0.39 2.04
CA GLY A 291 23.73 1.66 2.20
C GLY A 291 23.23 2.37 3.47
N PRO A 292 23.74 3.59 3.76
CA PRO A 292 23.35 4.26 4.97
C PRO A 292 21.85 4.56 5.05
N TYR A 293 21.31 4.58 6.26
CA TYR A 293 19.91 4.81 6.44
C TYR A 293 19.66 6.33 6.57
N VAL A 294 19.89 7.03 5.47
CA VAL A 294 19.89 8.50 5.41
C VAL A 294 19.14 8.85 4.07
N TYR A 295 18.23 9.77 4.15
CA TYR A 295 17.30 10.15 3.08
C TYR A 295 17.97 10.29 1.74
N GLU A 296 18.95 11.23 1.62
CA GLU A 296 19.48 11.39 0.28
C GLU A 296 20.17 10.09 -0.26
N ASP A 297 20.84 9.32 0.62
CA ASP A 297 21.50 8.08 0.17
C ASP A 297 20.46 7.04 -0.23
N MET A 298 19.36 6.97 0.52
CA MET A 298 18.30 5.97 0.28
C MET A 298 17.56 6.32 -1.00
N VAL A 299 17.24 7.59 -1.22
CA VAL A 299 16.55 7.97 -2.46
C VAL A 299 17.45 7.66 -3.69
N LYS A 300 18.74 8.00 -3.56
CA LYS A 300 19.71 7.69 -4.64
C LYS A 300 19.84 6.16 -4.86
N MET A 301 19.81 5.42 -3.76
CA MET A 301 19.86 3.92 -3.84
C MET A 301 18.66 3.36 -4.58
N GLY A 302 17.47 3.86 -4.27
CA GLY A 302 16.26 3.34 -4.95
C GLY A 302 16.34 3.73 -6.41
N LYS A 303 16.78 4.96 -6.69
CA LYS A 303 16.90 5.40 -8.07
C LYS A 303 17.91 4.57 -8.85
N ASP A 304 19.05 4.28 -8.22
CA ASP A 304 20.10 3.51 -8.90
C ASP A 304 19.70 2.04 -9.21
N ALA A 305 19.06 1.44 -8.22
CA ALA A 305 18.46 0.13 -8.33
C ALA A 305 17.47 0.10 -9.51
N GLY A 306 16.66 1.15 -9.62
CA GLY A 306 15.67 1.22 -10.67
C GLY A 306 16.33 1.37 -12.02
N GLN A 307 17.41 2.16 -12.10
CA GLN A 307 18.11 2.34 -13.36
C GLN A 307 18.81 1.04 -13.77
N GLU A 308 19.25 0.29 -12.77
N GLU A 308 19.25 0.28 -12.78
CA GLU A 308 19.80 -1.02 -13.02
CA GLU A 308 19.83 -0.99 -13.12
C GLU A 308 18.77 -2.00 -13.60
C GLU A 308 18.80 -2.09 -13.52
N LEU A 309 17.55 -1.99 -13.05
CA LEU A 309 16.45 -2.85 -13.60
C LEU A 309 16.08 -2.38 -14.98
N LEU A 310 16.26 -1.10 -15.28
CA LEU A 310 16.04 -0.60 -16.63
C LEU A 310 17.12 -1.02 -17.64
N SER A 311 18.38 -0.68 -17.36
CA SER A 311 19.45 -1.03 -18.29
C SER A 311 19.94 -2.46 -18.11
O3A 18W B . -4.11 -8.05 -5.13
C9A 18W B . -4.72 -7.07 -5.60
O4A 18W B . -5.75 -7.15 -6.33
C8A 18W B . -4.26 -5.68 -5.08
C7A 18W B . -4.34 -4.69 -6.19
C3A 18W B . -3.81 -3.24 -5.72
C2A 18W B . -2.50 -2.78 -5.85
C5A 18W B . -1.30 -3.57 -6.45
C6A 18W B . -0.45 -4.42 -5.46
O2A 18W B . 0.46 -5.09 -5.96
O1A 18W B . -0.65 -4.36 -4.24
C1A 18W B . -2.46 -1.52 -5.36
CHA 18W B . -1.31 -0.57 -5.31
NA 18W B . -3.71 -1.28 -4.96
C4A 18W B . -4.56 -2.28 -5.18
CHB 18W B . -5.95 -2.30 -4.89
C1B 18W B . -6.67 -1.56 -3.92
C2B 18W B . -7.86 -1.87 -3.35
C5B 18W B . -8.73 -3.12 -3.71
C6B 18W B . -9.57 -2.92 -5.03
O2B 18W B . -9.94 -1.76 -5.32
O1B 18W B . -9.76 -3.93 -5.78
NB 18W B . -6.27 -0.34 -3.33
C4B 18W B . -7.19 0.09 -2.45
O5B 18W B . -7.17 1.20 -1.74
C3B 18W B . -8.17 -0.85 -2.45
C7B 18W B . -9.40 -0.81 -1.53
C8B 18W B . -9.05 -1.56 -0.18
C9B 18W B . -10.07 -1.34 0.90
O4B 18W B . -10.57 -2.33 1.48
O3B 18W B . -10.24 -0.11 1.25
C ACT C . -4.31 -5.53 -0.26
O ACT C . -3.22 -5.66 -0.84
OXT ACT C . -4.69 -6.29 0.63
CH3 ACT C . -5.07 -4.26 -0.51
#